data_1AO2
# 
_entry.id   1AO2 
# 
_audit_conform.dict_name       mmcif_pdbx.dic 
_audit_conform.dict_version    5.387 
_audit_conform.dict_location   http://mmcif.pdb.org/dictionaries/ascii/mmcif_pdbx.dic 
# 
loop_
_database_2.database_id 
_database_2.database_code 
_database_2.pdbx_database_accession 
_database_2.pdbx_DOI 
PDB   1AO2         pdb_00001ao2 10.2210/pdb1ao2/pdb 
RCSB  RCSB001214   ?            ?                   
WWPDB D_1000001214 ?            ?                   
# 
loop_
_pdbx_audit_revision_history.ordinal 
_pdbx_audit_revision_history.data_content_type 
_pdbx_audit_revision_history.major_revision 
_pdbx_audit_revision_history.minor_revision 
_pdbx_audit_revision_history.revision_date 
1 'Structure model' 1 0 1999-07-30 
2 'Structure model' 1 1 2008-04-26 
3 'Structure model' 1 2 2011-07-13 
4 'Structure model' 1 3 2022-03-23 
5 'Structure model' 1 4 2023-12-27 
6 'Structure model' 1 5 2024-03-13 
# 
_pdbx_audit_revision_details.ordinal             1 
_pdbx_audit_revision_details.revision_ordinal    1 
_pdbx_audit_revision_details.data_content_type   'Structure model' 
_pdbx_audit_revision_details.provider            repository 
_pdbx_audit_revision_details.type                'Initial release' 
_pdbx_audit_revision_details.description         ? 
_pdbx_audit_revision_details.details             ? 
# 
loop_
_pdbx_audit_revision_group.ordinal 
_pdbx_audit_revision_group.revision_ordinal 
_pdbx_audit_revision_group.data_content_type 
_pdbx_audit_revision_group.group 
1 2 'Structure model' 'Version format compliance' 
2 3 'Structure model' 'Version format compliance' 
3 4 'Structure model' 'Database references'       
4 4 'Structure model' 'Derived calculations'      
5 5 'Structure model' 'Data collection'           
6 6 'Structure model' 'Source and taxonomy'       
7 6 'Structure model' 'Structure summary'         
# 
loop_
_pdbx_audit_revision_category.ordinal 
_pdbx_audit_revision_category.revision_ordinal 
_pdbx_audit_revision_category.data_content_type 
_pdbx_audit_revision_category.category 
1 4 'Structure model' database_2            
2 4 'Structure model' pdbx_struct_assembly  
3 4 'Structure model' pdbx_struct_oper_list 
4 4 'Structure model' struct_conn           
5 4 'Structure model' struct_site           
6 5 'Structure model' chem_comp_atom        
7 5 'Structure model' chem_comp_bond        
8 6 'Structure model' entity                
9 6 'Structure model' pdbx_entity_src_syn   
# 
loop_
_pdbx_audit_revision_item.ordinal 
_pdbx_audit_revision_item.revision_ordinal 
_pdbx_audit_revision_item.data_content_type 
_pdbx_audit_revision_item.item 
1  4 'Structure model' '_database_2.pdbx_DOI'                
2  4 'Structure model' '_database_2.pdbx_database_accession' 
3  4 'Structure model' '_struct_conn.ptnr1_auth_comp_id'     
4  4 'Structure model' '_struct_conn.ptnr1_auth_seq_id'      
5  4 'Structure model' '_struct_conn.ptnr1_label_asym_id'    
6  4 'Structure model' '_struct_conn.ptnr1_label_atom_id'    
7  4 'Structure model' '_struct_conn.ptnr1_label_comp_id'    
8  4 'Structure model' '_struct_conn.ptnr2_auth_comp_id'     
9  4 'Structure model' '_struct_conn.ptnr2_auth_seq_id'      
10 4 'Structure model' '_struct_conn.ptnr2_label_asym_id'    
11 4 'Structure model' '_struct_conn.ptnr2_label_atom_id'    
12 4 'Structure model' '_struct_conn.ptnr2_label_comp_id'    
13 4 'Structure model' '_struct_site.pdbx_auth_asym_id'      
14 4 'Structure model' '_struct_site.pdbx_auth_comp_id'      
15 4 'Structure model' '_struct_site.pdbx_auth_seq_id'       
16 6 'Structure model' '_entity.details'                     
# 
_pdbx_database_status.status_code                     REL 
_pdbx_database_status.entry_id                        1AO2 
_pdbx_database_status.recvd_initial_deposition_date   1997-07-16 
_pdbx_database_status.deposit_site                    RCSB 
_pdbx_database_status.process_site                    RCSB 
_pdbx_database_status.status_code_mr                  REL 
_pdbx_database_status.SG_entry                        . 
_pdbx_database_status.pdb_format_compatible           Y 
_pdbx_database_status.status_code_sf                  ? 
_pdbx_database_status.status_code_cs                  ? 
_pdbx_database_status.status_code_nmr_data            ? 
_pdbx_database_status.methods_development_category    ? 
# 
loop_
_audit_author.name 
_audit_author.pdbx_ordinal 
'Caceres-Cortes, J.' 1 
'Sugiyama, H.'       2 
'Ikudome, K.'        3 
'Saito, I.'          4 
'Wang, A.H.-J.'      5 
# 
_citation.id                        primary 
_citation.title                     
'Structures of cobalt(III)-pepleomycin and cobalt(III)-deglycopepleomycin (green forms) determined by NMR studies.' 
_citation.journal_abbrev            Eur.J.Biochem. 
_citation.journal_volume            244 
_citation.page_first                818 
_citation.page_last                 828 
_citation.year                      1997 
_citation.journal_id_ASTM           EJBCAI 
_citation.country                   IX 
_citation.journal_id_ISSN           0014-2956 
_citation.journal_id_CSD            0262 
_citation.book_publisher            ? 
_citation.pdbx_database_id_PubMed   9108252 
_citation.pdbx_database_id_DOI      10.1111/j.1432-1033.1997.00818.x 
# 
loop_
_citation_author.citation_id 
_citation_author.name 
_citation_author.ordinal 
_citation_author.identifier_ORCID 
primary 'Caceres-Cortes, J.' 1 ? 
primary 'Sugiyama, H.'       2 ? 
primary 'Ikudome, K.'        3 ? 
primary 'Saito, I.'          4 ? 
primary 'Wang, A.H.'         5 ? 
# 
loop_
_entity.id 
_entity.type 
_entity.src_method 
_entity.pdbx_description 
_entity.formula_weight 
_entity.pdbx_number_of_molecules 
_entity.pdbx_ec 
_entity.pdbx_mutation 
_entity.pdbx_fragment 
_entity.details 
1 non-polymer syn 'AGLYCON OF PEPLOMYCIN' 1106.283 1 ? ? ? ?                                                         
2 non-polymer syn 'COBALT (III) ION'      58.933   1 ? ? ? ?                                                         
3 non-polymer syn 'HYDROGEN PEROXIDE'     34.015   1 ? ? ? 'a derivative of bleomycin from Streptomyces verticillus' 
# 
loop_
_pdbx_entity_nonpoly.entity_id 
_pdbx_entity_nonpoly.name 
_pdbx_entity_nonpoly.comp_id 
1 'AGLYCON OF PEPLOMYCIN' PMY 
2 'COBALT (III) ION'      3CO 
3 'HYDROGEN PEROXIDE'     PEO 
# 
loop_
_chem_comp.id 
_chem_comp.type 
_chem_comp.mon_nstd_flag 
_chem_comp.name 
_chem_comp.pdbx_synonyms 
_chem_comp.formula 
_chem_comp.formula_weight 
3CO non-polymer . 'COBALT (III) ION'      ?                                                                   'Co 3'               
58.933   
PEO non-polymer . 'HYDROGEN PEROXIDE'     ?                                                                   'H2 O2'              
34.015   
PMY non-polymer . 'AGLYCON OF PEPLOMYCIN' 'AGLYCON OF (S)-N1-[3-[(1-PHENYLETHYL)AMINO]-PROPYL]BLEOMYCINAMIDE' 'C48 H67 N17 O10 S2' 
1106.283 
# 
loop_
_pdbx_nonpoly_scheme.asym_id 
_pdbx_nonpoly_scheme.entity_id 
_pdbx_nonpoly_scheme.mon_id 
_pdbx_nonpoly_scheme.ndb_seq_num 
_pdbx_nonpoly_scheme.pdb_seq_num 
_pdbx_nonpoly_scheme.auth_seq_num 
_pdbx_nonpoly_scheme.pdb_mon_id 
_pdbx_nonpoly_scheme.auth_mon_id 
_pdbx_nonpoly_scheme.pdb_strand_id 
_pdbx_nonpoly_scheme.pdb_ins_code 
A 1 PMY 1 1 1 PMY PMY A . 
B 2 3CO 1 2 2 3CO 3CO A . 
C 3 PEO 1 3 3 PEO PEO A . 
# 
_cell.entry_id           1AO2 
_cell.length_a           1.000 
_cell.length_b           1.000 
_cell.length_c           1.000 
_cell.angle_alpha        90.00 
_cell.angle_beta         90.00 
_cell.angle_gamma        90.00 
_cell.Z_PDB              1 
_cell.pdbx_unique_axis   ? 
# 
_symmetry.entry_id                         1AO2 
_symmetry.space_group_name_H-M             'P 1' 
_symmetry.pdbx_full_space_group_name_H-M   ? 
_symmetry.cell_setting                     ? 
_symmetry.Int_Tables_number                1 
# 
_exptl.entry_id          1AO2 
_exptl.method            'SOLUTION NMR' 
_exptl.crystals_number   ? 
# 
_struct.entry_id                  1AO2 
_struct.title                     'cobalt(III)-deglycopepleomycin determined by NMR studies' 
_struct.pdbx_model_details        ? 
_struct.pdbx_CASP_flag            ? 
_struct.pdbx_model_type_details   ? 
# 
_struct_keywords.entry_id        1AO2 
_struct_keywords.pdbx_keywords   INHIBITOR 
_struct_keywords.text            
'anticancer drugs, deglycosylated pepleomycin, peplomycin, bleomycin, DNA, two-dimensional NMR, solution structures, INHIBITOR' 
# 
loop_
_struct_asym.id 
_struct_asym.pdbx_blank_PDB_chainid_flag 
_struct_asym.pdbx_modified 
_struct_asym.entity_id 
_struct_asym.details 
A N N 1 ? 
B N N 2 ? 
C N N 3 ? 
# 
_pdbx_struct_assembly.id                   1 
_pdbx_struct_assembly.details              author_defined_assembly 
_pdbx_struct_assembly.method_details       ? 
_pdbx_struct_assembly.oligomeric_details   monomeric 
_pdbx_struct_assembly.oligomeric_count     1 
# 
_pdbx_struct_assembly_gen.assembly_id       1 
_pdbx_struct_assembly_gen.oper_expression   1 
_pdbx_struct_assembly_gen.asym_id_list      A,B,C 
# 
_pdbx_struct_oper_list.id                   1 
_pdbx_struct_oper_list.type                 'identity operation' 
_pdbx_struct_oper_list.name                 1_555 
_pdbx_struct_oper_list.symmetry_operation   ? 
_pdbx_struct_oper_list.matrix[1][1]         1.0000000000 
_pdbx_struct_oper_list.matrix[1][2]         0.0000000000 
_pdbx_struct_oper_list.matrix[1][3]         0.0000000000 
_pdbx_struct_oper_list.vector[1]            0.0000000000 
_pdbx_struct_oper_list.matrix[2][1]         0.0000000000 
_pdbx_struct_oper_list.matrix[2][2]         1.0000000000 
_pdbx_struct_oper_list.matrix[2][3]         0.0000000000 
_pdbx_struct_oper_list.vector[2]            0.0000000000 
_pdbx_struct_oper_list.matrix[3][1]         0.0000000000 
_pdbx_struct_oper_list.matrix[3][2]         0.0000000000 
_pdbx_struct_oper_list.matrix[3][3]         1.0000000000 
_pdbx_struct_oper_list.vector[3]            0.0000000000 
# 
_struct_biol.id   1 
# 
loop_
_struct_conn.id 
_struct_conn.conn_type_id 
_struct_conn.pdbx_leaving_atom_flag 
_struct_conn.pdbx_PDB_id 
_struct_conn.ptnr1_label_asym_id 
_struct_conn.ptnr1_label_comp_id 
_struct_conn.ptnr1_label_seq_id 
_struct_conn.ptnr1_label_atom_id 
_struct_conn.pdbx_ptnr1_label_alt_id 
_struct_conn.pdbx_ptnr1_PDB_ins_code 
_struct_conn.pdbx_ptnr1_standard_comp_id 
_struct_conn.ptnr1_symmetry 
_struct_conn.ptnr2_label_asym_id 
_struct_conn.ptnr2_label_comp_id 
_struct_conn.ptnr2_label_seq_id 
_struct_conn.ptnr2_label_atom_id 
_struct_conn.pdbx_ptnr2_label_alt_id 
_struct_conn.pdbx_ptnr2_PDB_ins_code 
_struct_conn.ptnr1_auth_asym_id 
_struct_conn.ptnr1_auth_comp_id 
_struct_conn.ptnr1_auth_seq_id 
_struct_conn.ptnr2_auth_asym_id 
_struct_conn.ptnr2_auth_comp_id 
_struct_conn.ptnr2_auth_seq_id 
_struct_conn.ptnr2_symmetry 
_struct_conn.pdbx_ptnr3_label_atom_id 
_struct_conn.pdbx_ptnr3_label_seq_id 
_struct_conn.pdbx_ptnr3_label_comp_id 
_struct_conn.pdbx_ptnr3_label_asym_id 
_struct_conn.pdbx_ptnr3_label_alt_id 
_struct_conn.pdbx_ptnr3_PDB_ins_code 
_struct_conn.details 
_struct_conn.pdbx_dist_value 
_struct_conn.pdbx_value_order 
_struct_conn.pdbx_role 
metalc1 metalc ? ? A PMY . NB ? ? ? 1_555 B 3CO . CO ? ? A PMY 1 A 3CO 2 1_555 ? ? ? ? ? ? ? 1.997 ? ? 
metalc2 metalc ? ? A PMY . NC ? ? ? 1_555 B 3CO . CO ? ? A PMY 1 A 3CO 2 1_555 ? ? ? ? ? ? ? 1.999 ? ? 
metalc3 metalc ? ? A PMY . NG ? ? ? 1_555 B 3CO . CO ? ? A PMY 1 A 3CO 2 1_555 ? ? ? ? ? ? ? 1.866 ? ? 
metalc4 metalc ? ? A PMY . NH ? ? ? 1_555 B 3CO . CO ? ? A PMY 1 A 3CO 2 1_555 ? ? ? ? ? ? ? 1.987 ? ? 
metalc5 metalc ? ? A PMY . NJ ? ? ? 1_555 B 3CO . CO ? ? A PMY 1 A 3CO 2 1_555 ? ? ? ? ? ? ? 2.066 ? ? 
metalc6 metalc ? ? B 3CO . CO ? ? ? 1_555 C PEO . O1 ? ? A 3CO 2 A PEO 3 1_555 ? ? ? ? ? ? ? 1.988 ? ? 
# 
_struct_conn_type.id          metalc 
_struct_conn_type.criteria    ? 
_struct_conn_type.reference   ? 
# 
loop_
_pdbx_struct_conn_angle.id 
_pdbx_struct_conn_angle.ptnr1_label_atom_id 
_pdbx_struct_conn_angle.ptnr1_label_alt_id 
_pdbx_struct_conn_angle.ptnr1_label_asym_id 
_pdbx_struct_conn_angle.ptnr1_label_comp_id 
_pdbx_struct_conn_angle.ptnr1_label_seq_id 
_pdbx_struct_conn_angle.ptnr1_auth_atom_id 
_pdbx_struct_conn_angle.ptnr1_auth_asym_id 
_pdbx_struct_conn_angle.ptnr1_auth_comp_id 
_pdbx_struct_conn_angle.ptnr1_auth_seq_id 
_pdbx_struct_conn_angle.ptnr1_PDB_ins_code 
_pdbx_struct_conn_angle.ptnr1_symmetry 
_pdbx_struct_conn_angle.ptnr2_label_atom_id 
_pdbx_struct_conn_angle.ptnr2_label_alt_id 
_pdbx_struct_conn_angle.ptnr2_label_asym_id 
_pdbx_struct_conn_angle.ptnr2_label_comp_id 
_pdbx_struct_conn_angle.ptnr2_label_seq_id 
_pdbx_struct_conn_angle.ptnr2_auth_atom_id 
_pdbx_struct_conn_angle.ptnr2_auth_asym_id 
_pdbx_struct_conn_angle.ptnr2_auth_comp_id 
_pdbx_struct_conn_angle.ptnr2_auth_seq_id 
_pdbx_struct_conn_angle.ptnr2_PDB_ins_code 
_pdbx_struct_conn_angle.ptnr2_symmetry 
_pdbx_struct_conn_angle.ptnr3_label_atom_id 
_pdbx_struct_conn_angle.ptnr3_label_alt_id 
_pdbx_struct_conn_angle.ptnr3_label_asym_id 
_pdbx_struct_conn_angle.ptnr3_label_comp_id 
_pdbx_struct_conn_angle.ptnr3_label_seq_id 
_pdbx_struct_conn_angle.ptnr3_auth_atom_id 
_pdbx_struct_conn_angle.ptnr3_auth_asym_id 
_pdbx_struct_conn_angle.ptnr3_auth_comp_id 
_pdbx_struct_conn_angle.ptnr3_auth_seq_id 
_pdbx_struct_conn_angle.ptnr3_PDB_ins_code 
_pdbx_struct_conn_angle.ptnr3_symmetry 
_pdbx_struct_conn_angle.value 
_pdbx_struct_conn_angle.value_esd 
1  NB ? A PMY . ? A PMY 1 ? 1_555 CO ? B 3CO . ? A 3CO 2 ? 1_555 NC ? A PMY . ? A PMY 1 ? 1_555 87.7  ? 
2  NB ? A PMY . ? A PMY 1 ? 1_555 CO ? B 3CO . ? A 3CO 2 ? 1_555 NG ? A PMY . ? A PMY 1 ? 1_555 90.3  ? 
3  NC ? A PMY . ? A PMY 1 ? 1_555 CO ? B 3CO . ? A 3CO 2 ? 1_555 NG ? A PMY . ? A PMY 1 ? 1_555 85.4  ? 
4  NB ? A PMY . ? A PMY 1 ? 1_555 CO ? B 3CO . ? A 3CO 2 ? 1_555 NH ? A PMY . ? A PMY 1 ? 1_555 87.7  ? 
5  NC ? A PMY . ? A PMY 1 ? 1_555 CO ? B 3CO . ? A 3CO 2 ? 1_555 NH ? A PMY . ? A PMY 1 ? 1_555 169.0 ? 
6  NG ? A PMY . ? A PMY 1 ? 1_555 CO ? B 3CO . ? A 3CO 2 ? 1_555 NH ? A PMY . ? A PMY 1 ? 1_555 84.7  ? 
7  NB ? A PMY . ? A PMY 1 ? 1_555 CO ? B 3CO . ? A 3CO 2 ? 1_555 NJ ? A PMY . ? A PMY 1 ? 1_555 82.1  ? 
8  NC ? A PMY . ? A PMY 1 ? 1_555 CO ? B 3CO . ? A 3CO 2 ? 1_555 NJ ? A PMY . ? A PMY 1 ? 1_555 91.0  ? 
9  NG ? A PMY . ? A PMY 1 ? 1_555 CO ? B 3CO . ? A 3CO 2 ? 1_555 NJ ? A PMY . ? A PMY 1 ? 1_555 171.7 ? 
10 NH ? A PMY . ? A PMY 1 ? 1_555 CO ? B 3CO . ? A 3CO 2 ? 1_555 NJ ? A PMY . ? A PMY 1 ? 1_555 98.2  ? 
11 NB ? A PMY . ? A PMY 1 ? 1_555 CO ? B 3CO . ? A 3CO 2 ? 1_555 O1 ? C PEO . ? A PEO 3 ? 1_555 176.5 ? 
12 NC ? A PMY . ? A PMY 1 ? 1_555 CO ? B 3CO . ? A 3CO 2 ? 1_555 O1 ? C PEO . ? A PEO 3 ? 1_555 90.3  ? 
13 NG ? A PMY . ? A PMY 1 ? 1_555 CO ? B 3CO . ? A 3CO 2 ? 1_555 O1 ? C PEO . ? A PEO 3 ? 1_555 86.7  ? 
14 NH ? A PMY . ? A PMY 1 ? 1_555 CO ? B 3CO . ? A 3CO 2 ? 1_555 O1 ? C PEO . ? A PEO 3 ? 1_555 93.8  ? 
15 NJ ? A PMY . ? A PMY 1 ? 1_555 CO ? B 3CO . ? A 3CO 2 ? 1_555 O1 ? C PEO . ? A PEO 3 ? 1_555 100.8 ? 
# 
loop_
_struct_site.id 
_struct_site.pdbx_evidence_code 
_struct_site.pdbx_auth_asym_id 
_struct_site.pdbx_auth_comp_id 
_struct_site.pdbx_auth_seq_id 
_struct_site.pdbx_auth_ins_code 
_struct_site.pdbx_num_residues 
_struct_site.details 
AC1 Software A PMY 1 ? 2 'BINDING SITE FOR RESIDUE PMY A 1' 
AC2 Software A 3CO 2 ? 2 'BINDING SITE FOR RESIDUE 3CO A 2' 
AC3 Software A PEO 3 ? 2 'BINDING SITE FOR RESIDUE PEO A 3' 
# 
loop_
_struct_site_gen.id 
_struct_site_gen.site_id 
_struct_site_gen.pdbx_num_res 
_struct_site_gen.label_comp_id 
_struct_site_gen.label_asym_id 
_struct_site_gen.label_seq_id 
_struct_site_gen.pdbx_auth_ins_code 
_struct_site_gen.auth_comp_id 
_struct_site_gen.auth_asym_id 
_struct_site_gen.auth_seq_id 
_struct_site_gen.label_atom_id 
_struct_site_gen.label_alt_id 
_struct_site_gen.symmetry 
_struct_site_gen.details 
1 AC1 2 3CO B . ? 3CO A 2 . ? 1_555 ? 
2 AC1 2 PEO C . ? PEO A 3 . ? 1_555 ? 
3 AC2 2 PMY A . ? PMY A 1 . ? 1_555 ? 
4 AC2 2 PEO C . ? PEO A 3 . ? 1_555 ? 
5 AC3 2 PMY A . ? PMY A 1 . ? 1_555 ? 
6 AC3 2 3CO B . ? 3CO A 2 . ? 1_555 ? 
# 
_pdbx_nmr_ensemble.entry_id                                      1AO2 
_pdbx_nmr_ensemble.conformers_calculated_total_number            1 
_pdbx_nmr_ensemble.conformers_submitted_total_number             1 
_pdbx_nmr_ensemble.conformer_selection_criteria                  'minimal energy' 
_pdbx_nmr_ensemble.average_constraints_per_residue               ? 
_pdbx_nmr_ensemble.average_constraint_violations_per_residue     ? 
_pdbx_nmr_ensemble.maximum_distance_constraint_violation         ? 
_pdbx_nmr_ensemble.average_distance_constraint_violation         ? 
_pdbx_nmr_ensemble.maximum_upper_distance_constraint_violation   ? 
_pdbx_nmr_ensemble.maximum_lower_distance_constraint_violation   ? 
_pdbx_nmr_ensemble.distance_constraint_violation_method          ? 
_pdbx_nmr_ensemble.maximum_torsion_angle_constraint_violation    ? 
_pdbx_nmr_ensemble.average_torsion_angle_constraint_violation    ? 
_pdbx_nmr_ensemble.torsion_angle_constraint_violation_method     ? 
# 
_pdbx_nmr_representative.entry_id             1AO2 
_pdbx_nmr_representative.conformer_id         1 
_pdbx_nmr_representative.selection_criteria   'minimized average' 
# 
_pdbx_nmr_sample_details.solution_id      1 
_pdbx_nmr_sample_details.contents         '50mM sodium phosphate, 0.15 M NaCl' 
_pdbx_nmr_sample_details.solvent_system   H2O 
# 
_pdbx_nmr_exptl_sample_conditions.conditions_id       1 
_pdbx_nmr_exptl_sample_conditions.temperature         275 
_pdbx_nmr_exptl_sample_conditions.pressure            1 
_pdbx_nmr_exptl_sample_conditions.pressure_units      atm 
_pdbx_nmr_exptl_sample_conditions.pH                  6.4 
_pdbx_nmr_exptl_sample_conditions.ionic_strength      ? 
_pdbx_nmr_exptl_sample_conditions.temperature_units   K 
# 
loop_
_pdbx_nmr_exptl.experiment_id 
_pdbx_nmr_exptl.conditions_id 
_pdbx_nmr_exptl.type 
_pdbx_nmr_exptl.solution_id 
1 1 '2D NOESY' 1 
2 1 TOCSY      1 
3 1 DQF-COSY   1 
# 
_pdbx_nmr_details.entry_id   1AO2 
_pdbx_nmr_details.text       'method used to determine the structure : NOE-RMD' 
# 
_pdbx_nmr_refine.entry_id           1AO2 
_pdbx_nmr_refine.method             ? 
_pdbx_nmr_refine.details            'Refinement details can be found in the JRNL citation' 
_pdbx_nmr_refine.software_ordinal   1 
# 
loop_
_pdbx_nmr_software.name 
_pdbx_nmr_software.version 
_pdbx_nmr_software.classification 
_pdbx_nmr_software.authors 
_pdbx_nmr_software.ordinal 
X-PLOR  3.1 refinement A.T.Brunger 1 
SPEDREF ?   refinement ?           2 
# 
loop_
_chem_comp_atom.comp_id 
_chem_comp_atom.atom_id 
_chem_comp_atom.type_symbol 
_chem_comp_atom.pdbx_aromatic_flag 
_chem_comp_atom.pdbx_stereo_config 
_chem_comp_atom.pdbx_ordinal 
3CO CO  CO N N 1   
PEO O1  O  N N 2   
PEO O2  O  N N 3   
PEO HO1 H  N N 4   
PEO HO2 H  N N 5   
PMY NA  N  N N 6   
PMY C1  C  N N 7   
PMY O1  O  N N 8   
PMY C2  C  N S 9   
PMY NB  N  N N 10  
PMY C3  C  N N 11  
PMY NC  N  N N 12  
PMY ND  N  N N 13  
PMY C4  C  N N 14  
PMY O4  O  N N 15  
PMY C5  C  N N 16  
PMY C6  C  N S 17  
PMY C7  C  Y N 18  
PMY NE  N  Y N 19  
PMY C8  C  Y N 20  
PMY NG  N  Y N 21  
PMY C10 C  Y N 22  
PMY C9  C  Y N 23  
PMY NF  N  N N 24  
PMY CA  C  N N 25  
PMY C12 C  N N 26  
PMY O12 O  N N 27  
PMY NH  N  N N 28  
PMY C13 C  N S 29  
PMY C14 C  N R 30  
PMY OH1 O  N N 31  
PMY C27 C  Y N 32  
PMY NJ  N  Y N 33  
PMY C28 C  Y N 34  
PMY C29 C  Y N 35  
PMY NI  N  Y N 36  
PMY C30 C  N N 37  
PMY O30 O  N N 38  
PMY NK  N  N N 39  
PMY C31 C  N R 40  
PMY CB  C  N N 41  
PMY C33 C  N S 42  
PMY OH2 O  N N 43  
PMY C34 C  N S 44  
PMY CC  C  N N 45  
PMY C36 C  N N 46  
PMY O36 O  N N 47  
PMY NL  N  N N 48  
PMY C37 C  N S 49  
PMY C38 C  N R 50  
PMY OH3 O  N N 51  
PMY CD  C  N N 52  
PMY C40 C  N N 53  
PMY O40 O  N N 54  
PMY NM  N  N N 55  
PMY C41 C  N N 56  
PMY C42 C  N N 57  
PMY C43 C  Y N 58  
PMY S43 S  Y N 59  
PMY C44 C  Y N 60  
PMY NN  N  Y N 61  
PMY C45 C  Y N 62  
PMY C46 C  Y N 63  
PMY S46 S  Y N 64  
PMY C47 C  Y N 65  
PMY NO  N  Y N 66  
PMY C48 C  Y N 67  
PMY C49 C  N N 68  
PMY O49 O  N N 69  
PMY NP  N  N N 70  
PMY C51 C  N N 71  
PMY C52 C  N N 72  
PMY C53 C  N N 73  
PMY NQ  N  N N 74  
PMY CE  C  N N 75  
PMY C54 C  N S 76  
PMY C56 C  Y N 77  
PMY C57 C  Y N 78  
PMY C58 C  Y N 79  
PMY C59 C  Y N 80  
PMY C60 C  Y N 81  
PMY C61 C  Y N 82  
PMY HA1 H  N N 83  
PMY HA2 H  N N 84  
PMY H2  H  N N 85  
PMY HB1 H  N N 86  
PMY HB2 H  N N 87  
PMY H3E H  N N 88  
PMY H3X H  N N 89  
PMY HNC H  N N 90  
PMY HD1 H  N N 91  
PMY HD2 H  N N 92  
PMY H5E H  N N 93  
PMY H5X H  N N 94  
PMY H6  H  N N 95  
PMY HF1 H  N N 96  
PMY HF2 H  N N 97  
PMY HAA H  N N 98  
PMY HAB H  N N 99  
PMY HAC H  N N 100 
PMY HNH H  N N 101 
PMY H13 H  N N 102 
PMY H14 H  N N 103 
PMY HO1 H  N N 104 
PMY H28 H  N N 105 
PMY H29 H  N N 106 
PMY HNI H  N N 107 
PMY HNK H  N N 108 
PMY H31 H  N N 109 
PMY HBA H  N N 110 
PMY HBB H  N N 111 
PMY HBC H  N N 112 
PMY H33 H  N N 113 
PMY HO2 H  N N 114 
PMY H34 H  N N 115 
PMY HCA H  N N 116 
PMY HCB H  N N 117 
PMY HCC H  N N 118 
PMY HNL H  N N 119 
PMY H37 H  N N 120 
PMY H38 H  N N 121 
PMY HO3 H  N N 122 
PMY HDA H  N N 123 
PMY HDB H  N N 124 
PMY HDC H  N N 125 
PMY HNM H  N N 126 
PMY H1E H  N N 127 
PMY H1X H  N N 128 
PMY H2E H  N N 129 
PMY H2X H  N N 130 
PMY H44 H  N N 131 
PMY H47 H  N N 132 
PMY HNP H  N N 133 
PMY H6E H  N N 134 
PMY H6X H  N N 135 
PMY H7E H  N N 136 
PMY H7X H  N N 137 
PMY H8E H  N N 138 
PMY H8X H  N N 139 
PMY HNQ H  N N 140 
PMY HEA H  N N 141 
PMY HEB H  N N 142 
PMY HEC H  N N 143 
PMY H54 H  N N 144 
PMY H57 H  N N 145 
PMY H58 H  N N 146 
PMY H59 H  N N 147 
PMY H60 H  N N 148 
PMY H61 H  N N 149 
# 
loop_
_chem_comp_bond.comp_id 
_chem_comp_bond.atom_id_1 
_chem_comp_bond.atom_id_2 
_chem_comp_bond.value_order 
_chem_comp_bond.pdbx_aromatic_flag 
_chem_comp_bond.pdbx_stereo_config 
_chem_comp_bond.pdbx_ordinal 
PEO O1  O2  sing N N 1   
PEO O1  HO1 sing N N 2   
PEO O2  HO2 sing N N 3   
PMY NA  C1  sing N N 4   
PMY NA  HA1 sing N N 5   
PMY NA  HA2 sing N N 6   
PMY C1  O1  doub N N 7   
PMY C1  C2  sing N N 8   
PMY C2  NB  sing N N 9   
PMY C2  C3  sing N N 10  
PMY C2  H2  sing N N 11  
PMY NB  HB1 sing N N 12  
PMY NB  HB2 sing N N 13  
PMY C3  NC  sing N N 14  
PMY C3  H3E sing N N 15  
PMY C3  H3X sing N N 16  
PMY NC  C6  sing N N 17  
PMY NC  HNC sing N N 18  
PMY ND  C4  sing N N 19  
PMY ND  HD1 sing N N 20  
PMY ND  HD2 sing N N 21  
PMY C4  O4  doub N N 22  
PMY C4  C5  sing N N 23  
PMY C5  C6  sing N N 24  
PMY C5  H5E sing N N 25  
PMY C5  H5X sing N N 26  
PMY C6  C7  sing N N 27  
PMY C6  H6  sing N N 28  
PMY C7  NE  doub Y N 29  
PMY C7  NG  sing Y N 30  
PMY NE  C8  sing Y N 31  
PMY C8  C9  doub Y N 32  
PMY C8  NF  sing N N 33  
PMY NG  C10 doub Y N 34  
PMY C10 C9  sing Y N 35  
PMY C10 C12 sing N N 36  
PMY C9  CA  sing N N 37  
PMY NF  HF1 sing N N 38  
PMY NF  HF2 sing N N 39  
PMY CA  HAA sing N N 40  
PMY CA  HAB sing N N 41  
PMY CA  HAC sing N N 42  
PMY C12 O12 doub N N 43  
PMY C12 NH  sing N N 44  
PMY NH  C13 sing N N 45  
PMY NH  HNH sing N N 46  
PMY C13 C14 sing N N 47  
PMY C13 C30 sing N N 48  
PMY C13 H13 sing N N 49  
PMY C14 OH1 sing N N 50  
PMY C14 C27 sing N N 51  
PMY C14 H14 sing N N 52  
PMY OH1 HO1 sing N N 53  
PMY C27 NJ  sing Y N 54  
PMY C27 C28 doub Y N 55  
PMY NJ  C29 doub Y N 56  
PMY C28 NI  sing Y N 57  
PMY C28 H28 sing N N 58  
PMY C29 NI  sing Y N 59  
PMY C29 H29 sing N N 60  
PMY NI  HNI sing N N 61  
PMY C30 O30 doub N N 62  
PMY C30 NK  sing N N 63  
PMY NK  C31 sing N N 64  
PMY NK  HNK sing N N 65  
PMY C31 CB  sing N N 66  
PMY C31 C33 sing N N 67  
PMY C31 H31 sing N N 68  
PMY CB  HBA sing N N 69  
PMY CB  HBB sing N N 70  
PMY CB  HBC sing N N 71  
PMY C33 OH2 sing N N 72  
PMY C33 C34 sing N N 73  
PMY C33 H33 sing N N 74  
PMY OH2 HO2 sing N N 75  
PMY C34 CC  sing N N 76  
PMY C34 C36 sing N N 77  
PMY C34 H34 sing N N 78  
PMY CC  HCA sing N N 79  
PMY CC  HCB sing N N 80  
PMY CC  HCC sing N N 81  
PMY C36 O36 doub N N 82  
PMY C36 NL  sing N N 83  
PMY NL  C37 sing N N 84  
PMY NL  HNL sing N N 85  
PMY C37 C38 sing N N 86  
PMY C37 C40 sing N N 87  
PMY C37 H37 sing N N 88  
PMY C38 OH3 sing N N 89  
PMY C38 CD  sing N N 90  
PMY C38 H38 sing N N 91  
PMY OH3 HO3 sing N N 92  
PMY CD  HDA sing N N 93  
PMY CD  HDB sing N N 94  
PMY CD  HDC sing N N 95  
PMY C40 O40 doub N N 96  
PMY C40 NM  sing N N 97  
PMY NM  C41 sing N N 98  
PMY NM  HNM sing N N 99  
PMY C41 C42 sing N N 100 
PMY C41 H1E sing N N 101 
PMY C41 H1X sing N N 102 
PMY C42 C43 sing N N 103 
PMY C42 H2E sing N N 104 
PMY C42 H2X sing N N 105 
PMY C43 S43 sing Y N 106 
PMY C43 NN  doub Y N 107 
PMY S43 C44 sing Y N 108 
PMY C44 C45 doub Y N 109 
PMY C44 H44 sing N N 110 
PMY NN  C45 sing Y N 111 
PMY C45 C46 sing Y N 112 
PMY C46 S46 sing Y N 113 
PMY C46 NO  doub Y N 114 
PMY S46 C47 sing Y N 115 
PMY C47 C48 doub Y N 116 
PMY C47 H47 sing N N 117 
PMY NO  C48 sing Y N 118 
PMY C48 C49 sing N N 119 
PMY C49 O49 doub N N 120 
PMY C49 NP  sing N N 121 
PMY NP  C51 sing N N 122 
PMY NP  HNP sing N N 123 
PMY C51 C52 sing N N 124 
PMY C51 H6E sing N N 125 
PMY C51 H6X sing N N 126 
PMY C52 C53 sing N N 127 
PMY C52 H7E sing N N 128 
PMY C52 H7X sing N N 129 
PMY C53 NQ  sing N N 130 
PMY C53 H8E sing N N 131 
PMY C53 H8X sing N N 132 
PMY NQ  C54 sing N N 133 
PMY NQ  HNQ sing N N 134 
PMY CE  C54 sing N N 135 
PMY CE  HEA sing N N 136 
PMY CE  HEB sing N N 137 
PMY CE  HEC sing N N 138 
PMY C54 C56 sing N N 139 
PMY C54 H54 sing N N 140 
PMY C56 C57 doub Y N 141 
PMY C56 C61 sing Y N 142 
PMY C57 C58 sing Y N 143 
PMY C57 H57 sing N N 144 
PMY C58 C59 doub Y N 145 
PMY C58 H58 sing N N 146 
PMY C59 C60 sing Y N 147 
PMY C59 H59 sing N N 148 
PMY C60 C61 doub Y N 149 
PMY C60 H60 sing N N 150 
PMY C61 H61 sing N N 151 
# 
_pdbx_nmr_spectrometer.spectrometer_id   1 
_pdbx_nmr_spectrometer.type              ? 
_pdbx_nmr_spectrometer.manufacturer      Varian 
_pdbx_nmr_spectrometer.model             'VXR 500' 
_pdbx_nmr_spectrometer.field_strength    500 
# 
_atom_sites.entry_id                    1AO2 
_atom_sites.fract_transf_matrix[1][1]   1.000000 
_atom_sites.fract_transf_matrix[1][2]   0.000000 
_atom_sites.fract_transf_matrix[1][3]   0.000000 
_atom_sites.fract_transf_matrix[2][1]   0.000000 
_atom_sites.fract_transf_matrix[2][2]   1.000000 
_atom_sites.fract_transf_matrix[2][3]   0.000000 
_atom_sites.fract_transf_matrix[3][1]   0.000000 
_atom_sites.fract_transf_matrix[3][2]   0.000000 
_atom_sites.fract_transf_matrix[3][3]   1.000000 
_atom_sites.fract_transf_vector[1]      0.00000 
_atom_sites.fract_transf_vector[2]      0.00000 
_atom_sites.fract_transf_vector[3]      0.00000 
# 
loop_
_atom_type.symbol 
C  
CO 
H  
N  
O  
S  
# 
loop_
_atom_site.group_PDB 
_atom_site.id 
_atom_site.type_symbol 
_atom_site.label_atom_id 
_atom_site.label_alt_id 
_atom_site.label_comp_id 
_atom_site.label_asym_id 
_atom_site.label_entity_id 
_atom_site.label_seq_id 
_atom_site.pdbx_PDB_ins_code 
_atom_site.Cartn_x 
_atom_site.Cartn_y 
_atom_site.Cartn_z 
_atom_site.occupancy 
_atom_site.B_iso_or_equiv 
_atom_site.pdbx_formal_charge 
_atom_site.auth_seq_id 
_atom_site.auth_comp_id 
_atom_site.auth_asym_id 
_atom_site.auth_atom_id 
_atom_site.pdbx_PDB_model_num 
HETATM 1   N  NA  . PMY A 1 . ? -1.128 -4.012 7.506  1.00 0.00 ? 1 PMY A NA  1 
HETATM 2   C  C1  . PMY A 1 . ? -0.560 -2.840 7.187  1.00 0.00 ? 1 PMY A C1  1 
HETATM 3   O  O1  . PMY A 1 . ? -0.649 -1.856 7.913  1.00 0.00 ? 1 PMY A O1  1 
HETATM 4   C  C2  . PMY A 1 . ? 0.233  -2.724 5.879  1.00 0.00 ? 1 PMY A C2  1 
HETATM 5   N  NB  . PMY A 1 . ? 0.495  -1.317 5.481  1.00 0.00 ? 1 PMY A NB  1 
HETATM 6   C  C3  . PMY A 1 . ? 1.660  -3.250 6.150  1.00 0.00 ? 1 PMY A C3  1 
HETATM 7   N  NC  . PMY A 1 . ? 2.477  -3.160 4.902  1.00 0.00 ? 1 PMY A NC  1 
HETATM 8   N  ND  . PMY A 1 . ? 0.436  -6.445 1.817  1.00 0.00 ? 1 PMY A ND  1 
HETATM 9   C  C4  . PMY A 1 . ? 1.606  -5.999 2.274  1.00 0.00 ? 1 PMY A C4  1 
HETATM 10  O  O4  . PMY A 1 . ? 2.620  -6.047 1.582  1.00 0.00 ? 1 PMY A O4  1 
HETATM 11  C  C5  . PMY A 1 . ? 1.678  -5.414 3.687  1.00 0.00 ? 1 PMY A C5  1 
HETATM 12  C  C6  . PMY A 1 . ? 2.202  -3.934 3.620  1.00 0.00 ? 1 PMY A C6  1 
HETATM 13  C  C7  . PMY A 1 . ? 1.500  -3.048 2.603  1.00 0.00 ? 1 PMY A C7  1 
HETATM 14  N  NE  . PMY A 1 . ? 1.053  -3.386 1.357  1.00 0.00 ? 1 PMY A NE  1 
HETATM 15  C  C8  . PMY A 1 . ? 0.545  -2.425 0.507  1.00 0.00 ? 1 PMY A C8  1 
HETATM 16  N  NG  . PMY A 1 . ? 1.423  -1.771 2.943  1.00 0.00 ? 1 PMY A NG  1 
HETATM 17  C  C10 . PMY A 1 . ? 0.950  -0.803 2.160  1.00 0.00 ? 1 PMY A C10 1 
HETATM 18  C  C9  . PMY A 1 . ? 0.506  -1.106 0.902  1.00 0.00 ? 1 PMY A C9  1 
HETATM 19  N  NF  . PMY A 1 . ? 0.136  -2.868 -0.694 1.00 0.00 ? 1 PMY A NF  1 
HETATM 20  C  CA  . PMY A 1 . ? 0.000  0.000  0.000  1.00 0.00 ? 1 PMY A CA  1 
HETATM 21  C  C12 . PMY A 1 . ? 1.092  0.535  2.746  1.00 0.00 ? 1 PMY A C12 1 
HETATM 22  O  O12 . PMY A 1 . ? 0.668  1.535  2.173  1.00 0.00 ? 1 PMY A O12 1 
HETATM 23  N  NH  . PMY A 1 . ? 1.718  0.612  3.932  1.00 0.00 ? 1 PMY A NH  1 
HETATM 24  C  C13 . PMY A 1 . ? 1.942  1.879  4.647  1.00 0.00 ? 1 PMY A C13 1 
HETATM 25  C  C14 . PMY A 1 . ? 1.931  1.592  6.164  1.00 0.00 ? 1 PMY A C14 1 
HETATM 26  O  OH1 . PMY A 1 . ? 0.599  1.135  6.352  1.00 0.00 ? 1 PMY A OH1 1 
HETATM 27  C  C27 . PMY A 1 . ? 2.870  0.567  6.759  1.00 0.00 ? 1 PMY A C27 1 
HETATM 28  N  NJ  . PMY A 1 . ? 2.924  -0.724 6.411  1.00 0.00 ? 1 PMY A NJ  1 
HETATM 29  C  C28 . PMY A 1 . ? 3.811  0.761  7.704  1.00 0.00 ? 1 PMY A C28 1 
HETATM 30  C  C29 . PMY A 1 . ? 3.879  -1.311 7.151  1.00 0.00 ? 1 PMY A C29 1 
HETATM 31  N  NI  . PMY A 1 . ? 4.439  -0.397 7.934  1.00 0.00 ? 1 PMY A NI  1 
HETATM 32  C  C30 . PMY A 1 . ? 3.262  2.576  4.302  1.00 0.00 ? 1 PMY A C30 1 
HETATM 33  O  O30 . PMY A 1 . ? 3.528  3.649  4.838  1.00 0.00 ? 1 PMY A O30 1 
HETATM 34  N  NK  . PMY A 1 . ? 4.121  1.958  3.493  1.00 0.00 ? 1 PMY A NK  1 
HETATM 35  C  C31 . PMY A 1 . ? 5.450  2.384  3.114  1.00 0.00 ? 1 PMY A C31 1 
HETATM 36  C  CB  . PMY A 1 . ? 5.353  2.940  1.654  1.00 0.00 ? 1 PMY A CB  1 
HETATM 37  C  C33 . PMY A 1 . ? 6.330  1.084  3.174  1.00 0.00 ? 1 PMY A C33 1 
HETATM 38  O  OH2 . PMY A 1 . ? 7.596  1.389  2.653  1.00 0.00 ? 1 PMY A OH2 1 
HETATM 39  C  C34 . PMY A 1 . ? 6.537  0.560  4.633  1.00 0.00 ? 1 PMY A C34 1 
HETATM 40  C  CC  . PMY A 1 . ? 7.581  1.498  5.371  1.00 0.00 ? 1 PMY A CC  1 
HETATM 41  C  C36 . PMY A 1 . ? 7.030  -0.909 4.793  1.00 0.00 ? 1 PMY A C36 1 
HETATM 42  O  O36 . PMY A 1 . ? 7.768  -1.173 5.741  1.00 0.00 ? 1 PMY A O36 1 
HETATM 43  N  NL  . PMY A 1 . ? 6.659  -1.882 3.943  1.00 0.00 ? 1 PMY A NL  1 
HETATM 44  C  C37 . PMY A 1 . ? 7.046  -3.305 4.031  1.00 0.00 ? 1 PMY A C37 1 
HETATM 45  C  C38 . PMY A 1 . ? 6.401  -4.095 5.221  1.00 0.00 ? 1 PMY A C38 1 
HETATM 46  O  OH3 . PMY A 1 . ? 5.005  -3.795 5.371  1.00 0.00 ? 1 PMY A OH3 1 
HETATM 47  C  CD  . PMY A 1 . ? 7.079  -3.908 6.624  1.00 0.00 ? 1 PMY A CD  1 
HETATM 48  C  C40 . PMY A 1 . ? 6.764  -4.109 2.746  1.00 0.00 ? 1 PMY A C40 1 
HETATM 49  O  O40 . PMY A 1 . ? 7.537  -5.033 2.496  1.00 0.00 ? 1 PMY A O40 1 
HETATM 50  N  NM  . PMY A 1 . ? 5.729  -3.836 1.929  1.00 0.00 ? 1 PMY A NM  1 
HETATM 51  C  C41 . PMY A 1 . ? 5.496  -4.600 0.696  1.00 0.00 ? 1 PMY A C41 1 
HETATM 52  C  C42 . PMY A 1 . ? 6.418  -4.039 -0.392 1.00 0.00 ? 1 PMY A C42 1 
HETATM 53  C  C43 . PMY A 1 . ? 5.932  -2.684 -0.802 1.00 0.00 ? 1 PMY A C43 1 
HETATM 54  S  S43 . PMY A 1 . ? 6.769  -1.141 -0.452 1.00 0.00 ? 1 PMY A S43 1 
HETATM 55  C  C44 . PMY A 1 . ? 5.411  -0.334 -1.338 1.00 0.00 ? 1 PMY A C44 1 
HETATM 56  N  NN  . PMY A 1 . ? 4.797  -2.511 -1.487 1.00 0.00 ? 1 PMY A NN  1 
HETATM 57  C  C45 . PMY A 1 . ? 4.504  -1.235 -1.796 1.00 0.00 ? 1 PMY A C45 1 
HETATM 58  C  C46 . PMY A 1 . ? 3.423  -0.936 -2.552 1.00 0.00 ? 1 PMY A C46 1 
HETATM 59  S  S46 . PMY A 1 . ? 2.281  -2.180 -3.175 1.00 0.00 ? 1 PMY A S46 1 
HETATM 60  C  C47 . PMY A 1 . ? 1.378  -0.844 -3.999 1.00 0.00 ? 1 PMY A C47 1 
HETATM 61  N  NO  . PMY A 1 . ? 3.081  0.290  -2.974 1.00 0.00 ? 1 PMY A NO  1 
HETATM 62  C  C48 . PMY A 1 . ? 1.984  0.346  -3.764 1.00 0.00 ? 1 PMY A C48 1 
HETATM 63  C  C49 . PMY A 1 . ? 1.555  1.646  -4.316 1.00 0.00 ? 1 PMY A C49 1 
HETATM 64  O  O49 . PMY A 1 . ? 2.230  2.625  -4.002 1.00 0.00 ? 1 PMY A O49 1 
HETATM 65  N  NP  . PMY A 1 . ? 0.491  1.802  -5.127 1.00 0.00 ? 1 PMY A NP  1 
HETATM 66  C  C51 . PMY A 1 . ? 0.131  3.107  -5.700 1.00 0.00 ? 1 PMY A C51 1 
HETATM 67  C  C52 . PMY A 1 . ? -1.024 3.846  -4.902 1.00 0.00 ? 1 PMY A C52 1 
HETATM 68  C  C53 . PMY A 1 . ? -0.968 3.740  -3.299 1.00 0.00 ? 1 PMY A C53 1 
HETATM 69  N  NQ  . PMY A 1 . ? 0.323  4.251  -2.716 1.00 0.00 ? 1 PMY A NQ  1 
HETATM 70  C  CE  . PMY A 1 . ? 0.856  5.595  -0.645 1.00 0.00 ? 1 PMY A CE  1 
HETATM 71  C  C54 . PMY A 1 . ? 0.736  5.611  -2.210 1.00 0.00 ? 1 PMY A C54 1 
HETATM 72  C  C56 . PMY A 1 . ? 2.079  6.013  -2.896 1.00 0.00 ? 1 PMY A C56 1 
HETATM 73  C  C57 . PMY A 1 . ? 3.146  5.127  -2.879 1.00 0.00 ? 1 PMY A C57 1 
HETATM 74  C  C58 . PMY A 1 . ? 4.333  5.438  -3.490 1.00 0.00 ? 1 PMY A C58 1 
HETATM 75  C  C59 . PMY A 1 . ? 4.497  6.635  -4.126 1.00 0.00 ? 1 PMY A C59 1 
HETATM 76  C  C60 . PMY A 1 . ? 3.458  7.522  -4.154 1.00 0.00 ? 1 PMY A C60 1 
HETATM 77  C  C61 . PMY A 1 . ? 2.259  7.223  -3.552 1.00 0.00 ? 1 PMY A C61 1 
HETATM 78  H  HA1 . PMY A 1 . ? -1.681 -4.130 8.358  1.00 0.00 ? 1 PMY A HA1 1 
HETATM 79  H  HA2 . PMY A 1 . ? -1.019 -4.802 6.887  1.00 0.00 ? 1 PMY A HA2 1 
HETATM 80  H  H2  . PMY A 1 . ? -0.362 -3.169 5.061  1.00 0.00 ? 1 PMY A H2  1 
HETATM 81  H  HB1 . PMY A 1 . ? 0.594  -0.750 6.325  1.00 0.00 ? 1 PMY A HB1 1 
HETATM 82  H  HB2 . PMY A 1 . ? -0.304 -0.983 4.956  1.00 0.00 ? 1 PMY A HB2 1 
HETATM 83  H  H3E . PMY A 1 . ? 1.824  -4.179 6.717  1.00 0.00 ? 1 PMY A H3E 1 
HETATM 84  H  H3X . PMY A 1 . ? 2.015  -2.517 6.883  1.00 0.00 ? 1 PMY A H3X 1 
HETATM 85  H  HNC . PMY A 1 . ? 3.437  -3.411 5.154  1.00 0.00 ? 1 PMY A HNC 1 
HETATM 86  H  HD1 . PMY A 1 . ? -0.398 -6.561 2.379  1.00 0.00 ? 1 PMY A HD1 1 
HETATM 87  H  HD2 . PMY A 1 . ? 0.410  -6.785 0.866  1.00 0.00 ? 1 PMY A HD2 1 
HETATM 88  H  H5E . PMY A 1 . ? 2.420  -6.129 4.134  1.00 0.00 ? 1 PMY A H5E 1 
HETATM 89  H  H5X . PMY A 1 . ? 0.641  -5.447 4.101  1.00 0.00 ? 1 PMY A H5X 1 
HETATM 90  H  H6  . PMY A 1 . ? 3.233  -4.021 3.244  1.00 0.00 ? 1 PMY A H6  1 
HETATM 91  H  HF1 . PMY A 1 . ? -0.253 -2.248 -1.384 1.00 0.00 ? 1 PMY A HF1 1 
HETATM 92  H  HF2 . PMY A 1 . ? 0.208  -3.852 -0.914 1.00 0.00 ? 1 PMY A HF2 1 
HETATM 93  H  HAA . PMY A 1 . ? 0.785  0.757  -0.088 1.00 0.00 ? 1 PMY A HAA 1 
HETATM 94  H  HAB . PMY A 1 . ? -0.862 0.470  0.474  1.00 0.00 ? 1 PMY A HAB 1 
HETATM 95  H  HAC . PMY A 1 . ? -0.263 -0.317 -1.004 1.00 0.00 ? 1 PMY A HAC 1 
HETATM 96  H  H13 . PMY A 1 . ? 1.138  2.565  4.361  1.00 0.00 ? 1 PMY A H13 1 
HETATM 97  H  H14 . PMY A 1 . ? 2.089  2.546  6.683  1.00 0.00 ? 1 PMY A H14 1 
HETATM 98  H  HO1 . PMY A 1 . ? 0.015  1.774  5.925  1.00 0.00 ? 1 PMY A HO1 1 
HETATM 99  H  H28 . PMY A 1 . ? 4.051  1.666  8.211  1.00 0.00 ? 1 PMY A H28 1 
HETATM 100 H  H29 . PMY A 1 . ? 4.187  -2.327 7.139  1.00 0.00 ? 1 PMY A H29 1 
HETATM 101 H  HNI . PMY A 1 . ? 5.203  -0.561 8.578  1.00 0.00 ? 1 PMY A HNI 1 
HETATM 102 H  HNK . PMY A 1 . ? 3.885  1.069  3.113  1.00 0.00 ? 1 PMY A HNK 1 
HETATM 103 H  H31 . PMY A 1 . ? 5.784  3.143  3.866  1.00 0.00 ? 1 PMY A H31 1 
HETATM 104 H  HBA . PMY A 1 . ? 4.868  2.211  0.994  1.00 0.00 ? 1 PMY A HBA 1 
HETATM 105 H  HBB . PMY A 1 . ? 6.336  3.146  1.233  1.00 0.00 ? 1 PMY A HBB 1 
HETATM 106 H  HBC . PMY A 1 . ? 4.758  3.859  1.578  1.00 0.00 ? 1 PMY A HBC 1 
HETATM 107 H  H33 . PMY A 1 . ? 5.920  0.321  2.490  1.00 0.00 ? 1 PMY A H33 1 
HETATM 108 H  HO2 . PMY A 1 . ? 8.154  0.605  2.679  1.00 0.00 ? 1 PMY A HO2 1 
HETATM 109 H  H34 . PMY A 1 . ? 5.489  0.495  5.021  1.00 0.00 ? 1 PMY A H34 1 
HETATM 110 H  HCA . PMY A 1 . ? 8.561  1.466  4.871  1.00 0.00 ? 1 PMY A HCA 1 
HETATM 111 H  HCB . PMY A 1 . ? 7.824  1.207  6.400  1.00 0.00 ? 1 PMY A HCB 1 
HETATM 112 H  HCC . PMY A 1 . ? 7.327  2.562  5.397  1.00 0.00 ? 1 PMY A HCC 1 
HETATM 113 H  HNL . PMY A 1 . ? 6.068  -1.614 3.179  1.00 0.00 ? 1 PMY A HNL 1 
HETATM 114 H  H37 . PMY A 1 . ? 8.138  -3.330 4.087  1.00 0.00 ? 1 PMY A H37 1 
HETATM 115 H  H38 . PMY A 1 . ? 6.399  -5.158 4.903  1.00 0.00 ? 1 PMY A H38 1 
HETATM 116 H  HO3 . PMY A 1 . ? 4.648  -4.376 6.050  1.00 0.00 ? 1 PMY A HO3 1 
HETATM 117 H  HDA . PMY A 1 . ? 6.881  -2.920 7.052  1.00 0.00 ? 1 PMY A HDA 1 
HETATM 118 H  HDB . PMY A 1 . ? 8.167  -4.020 6.588  1.00 0.00 ? 1 PMY A HDB 1 
HETATM 119 H  HDC . PMY A 1 . ? 6.735  -4.635 7.368  1.00 0.00 ? 1 PMY A HDC 1 
HETATM 120 H  HNM . PMY A 1 . ? 5.114  -3.066 2.143  1.00 0.00 ? 1 PMY A HNM 1 
HETATM 121 H  H1E . PMY A 1 . ? 4.461  -4.513 0.334  1.00 0.00 ? 1 PMY A H1E 1 
HETATM 122 H  H1X . PMY A 1 . ? 5.738  -5.658 0.878  1.00 0.00 ? 1 PMY A H1X 1 
HETATM 123 H  H2E . PMY A 1 . ? 6.436  -4.648 -1.301 1.00 0.00 ? 1 PMY A H2E 1 
HETATM 124 H  H2X . PMY A 1 . ? 7.430  -3.989 0.007  1.00 0.00 ? 1 PMY A H2X 1 
HETATM 125 H  H44 . PMY A 1 . ? 5.375  0.730  -1.494 1.00 0.00 ? 1 PMY A H44 1 
HETATM 126 H  H47 . PMY A 1 . ? 0.502  -1.024 -4.602 1.00 0.00 ? 1 PMY A H47 1 
HETATM 127 H  HNP . PMY A 1 . ? -0.080 1.007  -5.377 1.00 0.00 ? 1 PMY A HNP 1 
HETATM 128 H  H6E . PMY A 1 . ? -0.136 2.910  -6.755 1.00 0.00 ? 1 PMY A H6E 1 
HETATM 129 H  H6X . PMY A 1 . ? 1.048  3.700  -5.842 1.00 0.00 ? 1 PMY A H6X 1 
HETATM 130 H  H7E . PMY A 1 . ? -1.963 3.447  -5.378 1.00 0.00 ? 1 PMY A H7E 1 
HETATM 131 H  H7X . PMY A 1 . ? -0.982 4.936  -5.148 1.00 0.00 ? 1 PMY A H7X 1 
HETATM 132 H  H8E . PMY A 1 . ? -0.861 2.645  -3.108 1.00 0.00 ? 1 PMY A H8E 1 
HETATM 133 H  H8X . PMY A 1 . ? -1.862 4.129  -2.695 1.00 0.00 ? 1 PMY A H8X 1 
HETATM 134 H  HNQ . PMY A 1 . ? 1.089  3.730  -3.137 1.00 0.00 ? 1 PMY A HNQ 1 
HETATM 135 H  HEA . PMY A 1 . ? 1.606  4.896  -0.268 1.00 0.00 ? 1 PMY A HEA 1 
HETATM 136 H  HEB . PMY A 1 . ? -0.092 5.326  -0.166 1.00 0.00 ? 1 PMY A HEB 1 
HETATM 137 H  HEC . PMY A 1 . ? 1.115  6.580  -0.239 1.00 0.00 ? 1 PMY A HEC 1 
HETATM 138 H  H54 . PMY A 1 . ? -0.090 6.327  -2.365 1.00 0.00 ? 1 PMY A H54 1 
HETATM 139 H  H57 . PMY A 1 . ? 3.070  4.144  -2.391 1.00 0.00 ? 1 PMY A H57 1 
HETATM 140 H  H58 . PMY A 1 . ? 5.159  4.733  -3.484 1.00 0.00 ? 1 PMY A H58 1 
HETATM 141 H  H59 . PMY A 1 . ? 5.453  6.880  -4.611 1.00 0.00 ? 1 PMY A H59 1 
HETATM 142 H  H60 . PMY A 1 . ? 3.610  8.467  -4.667 1.00 0.00 ? 1 PMY A H60 1 
HETATM 143 H  H61 . PMY A 1 . ? 1.474  7.985  -3.630 1.00 0.00 ? 1 PMY A H61 1 
HETATM 144 CO CO  . 3CO B 2 . ? 2.243  -1.211 4.522  1.00 0.00 ? 2 3CO A CO  1 
HETATM 145 O  O1  . PEO C 3 . ? 3.947  -1.196 3.498  1.00 0.00 ? 3 PEO A O1  1 
HETATM 146 O  O2  . PEO C 3 . ? 3.886  -0.840 2.095  1.00 0.00 ? 3 PEO A O2  1 
HETATM 147 H  HO2 . PEO C 3 . ? 3.426  -1.508 1.595  1.00 0.00 ? 3 PEO A HO2 1 
# 
